data_6JOZ
#
_entry.id   6JOZ
#
_cell.length_a   51.395
_cell.length_b   72.931
_cell.length_c   125.699
_cell.angle_alpha   90.00
_cell.angle_beta   90.00
_cell.angle_gamma   90.00
#
_symmetry.space_group_name_H-M   'P 21 21 21'
#
loop_
_entity.id
_entity.type
_entity.pdbx_description
1 polymer 'HLA class I histocompatibility antigen, A-11 alpha chain'
2 polymer Beta-2-microglobulin
3 polymer ALA-THR-ILE-GLY-THR-ALA-MET-TYR-LYS
4 non-polymer GLYCEROL
5 water water
#
loop_
_entity_poly.entity_id
_entity_poly.type
_entity_poly.pdbx_seq_one_letter_code
_entity_poly.pdbx_strand_id
1 'polypeptide(L)'
;GSHSMRYFYTSVSRPGRGEPRFIAVGYVDDTQFVRFDSDAASQRMEPRAPWIEQEGPEYWDQETRNVKAQSQTDRVDLGT
LRGYYNQSEDGSHTIQIMYGCDVGPDGRFLRGYRQDAYDGKDYIALNEDLRSWTAADMAAQITKRKWEAAHAAEQQRAYL
EGRCVEWLRRYLENGKETLQRTDPPKTHMTHHPISDHEATLRCWALGFYPAEITLTWQRDGEDQTQDTELVETRPAGDGT
FQKWAAVVVPSGEEQRYTCHVQHEGLPKPLTLRWE
;
A
2 'polypeptide(L)'
;IQRTPKIQVYSRHPAENGKSNFLNCYVSGFHPSDIEVDLLKNGERIEKVEHSDLSFSKDWSFYLLYYTEFTPTEKDEYAC
RVNHVTLSQPKIVKWDRDM
;
B
3 'polypeptide(L)' ATIGTAMYK C
#
loop_
_chem_comp.id
_chem_comp.type
_chem_comp.name
_chem_comp.formula
GOL non-polymer GLYCEROL 'C3 H8 O3'
#
# COMPACT_ATOMS: atom_id res chain seq x y z
N GLY A 1 -19.61 -0.12 8.61
CA GLY A 1 -19.24 0.46 9.88
C GLY A 1 -18.05 -0.17 10.65
N SER A 2 -17.33 -1.15 10.06
CA SER A 2 -16.10 -1.71 10.79
C SER A 2 -14.86 -1.05 10.31
N HIS A 3 -13.84 -1.05 11.17
CA HIS A 3 -12.63 -0.28 10.96
C HIS A 3 -11.42 -1.06 11.40
N SER A 4 -10.25 -0.67 10.93
CA SER A 4 -8.96 -1.33 11.22
C SER A 4 -7.86 -0.34 11.51
N MET A 5 -6.89 -0.80 12.28
CA MET A 5 -5.62 -0.07 12.44
C MET A 5 -4.53 -1.08 12.13
N ARG A 6 -3.52 -0.64 11.42
CA ARG A 6 -2.40 -1.48 11.03
C ARG A 6 -1.10 -0.75 11.11
N TYR A 7 -0.08 -1.40 11.60
CA TYR A 7 1.32 -0.95 11.47
C TYR A 7 2.04 -1.93 10.63
N PHE A 8 2.89 -1.41 9.74
CA PHE A 8 3.76 -2.18 8.82
C PHE A 8 5.19 -1.78 9.02
N TYR A 9 6.04 -2.69 9.45
CA TYR A 9 7.49 -2.41 9.63
C TYR A 9 8.27 -3.18 8.63
N THR A 10 9.35 -2.60 8.08
CA THR A 10 10.26 -3.24 7.15
C THR A 10 11.68 -2.93 7.56
N SER A 11 12.51 -3.95 7.72
CA SER A 11 13.95 -3.77 7.92
C SER A 11 14.70 -4.50 6.86
N VAL A 12 15.71 -3.84 6.24
CA VAL A 12 16.52 -4.42 5.14
C VAL A 12 17.98 -4.30 5.47
N SER A 13 18.70 -5.42 5.54
CA SER A 13 20.14 -5.36 5.77
C SER A 13 20.85 -4.84 4.49
N ARG A 14 22.02 -4.20 4.80
CA ARG A 14 22.83 -3.57 3.73
C ARG A 14 24.28 -3.87 4.00
N PRO A 15 24.66 -5.12 3.81
CA PRO A 15 26.04 -5.50 4.11
C PRO A 15 27.11 -4.67 3.34
N GLY A 16 28.07 -4.24 4.12
CA GLY A 16 29.11 -3.36 3.55
C GLY A 16 28.75 -1.91 3.50
N ARG A 17 27.50 -1.55 3.79
CA ARG A 17 26.96 -0.21 3.57
C ARG A 17 26.14 0.23 4.80
N GLY A 18 26.55 -0.14 5.96
CA GLY A 18 26.03 0.39 7.18
C GLY A 18 24.87 -0.44 7.72
N GLU A 19 24.17 0.15 8.66
CA GLU A 19 23.17 -0.51 9.46
C GLU A 19 21.90 -0.65 8.59
N PRO A 20 21.02 -1.53 9.04
CA PRO A 20 19.85 -1.79 8.18
C PRO A 20 18.93 -0.57 8.00
N ARG A 21 18.25 -0.51 6.89
CA ARG A 21 17.19 0.52 6.70
C ARG A 21 15.97 0.06 7.47
N PHE A 22 15.28 0.86 8.22
CA PHE A 22 14.03 0.56 8.92
C PHE A 22 13.03 1.58 8.54
N ILE A 23 11.85 1.12 8.10
CA ILE A 23 10.71 1.98 7.79
C ILE A 23 9.49 1.51 8.52
N ALA A 24 8.73 2.36 9.16
CA ALA A 24 7.45 2.04 9.78
C ALA A 24 6.40 2.93 9.23
N VAL A 25 5.21 2.39 8.96
CA VAL A 25 4.02 3.20 8.54
C VAL A 25 2.84 2.71 9.34
N GLY A 26 1.94 3.59 9.68
CA GLY A 26 0.64 3.24 10.31
C GLY A 26 -0.50 3.70 9.47
N TYR A 27 -1.55 2.90 9.46
CA TYR A 27 -2.83 3.13 8.71
C TYR A 27 -4.00 2.98 9.63
N VAL A 28 -5.02 3.84 9.44
CA VAL A 28 -6.38 3.54 9.87
C VAL A 28 -7.18 3.34 8.61
N ASP A 29 -7.83 2.20 8.44
CA ASP A 29 -8.49 1.87 7.19
C ASP A 29 -7.54 2.06 6.06
N ASP A 30 -7.91 2.79 5.01
CA ASP A 30 -7.07 3.05 3.85
C ASP A 30 -6.25 4.32 3.96
N THR A 31 -6.18 4.91 5.15
CA THR A 31 -5.51 6.23 5.35
C THR A 31 -4.20 6.13 6.15
N GLN A 32 -3.07 6.46 5.54
CA GLN A 32 -1.82 6.48 6.30
C GLN A 32 -1.78 7.65 7.25
N PHE A 33 -1.33 7.47 8.46
CA PHE A 33 -1.33 8.55 9.43
C PHE A 33 -0.03 8.85 10.05
N VAL A 34 0.95 7.93 10.07
CA VAL A 34 2.27 8.18 10.65
C VAL A 34 3.33 7.47 9.85
N ARG A 35 4.58 7.91 9.96
CA ARG A 35 5.72 7.27 9.34
C ARG A 35 6.95 7.44 10.19
N PHE A 36 7.90 6.51 10.00
CA PHE A 36 9.27 6.65 10.50
C PHE A 36 10.19 6.12 9.45
N ASP A 37 11.36 6.69 9.19
CA ASP A 37 12.39 6.17 8.34
C ASP A 37 13.71 6.34 8.99
N SER A 38 14.46 5.29 9.20
CA SER A 38 15.88 5.34 9.75
C SER A 38 16.70 6.28 8.94
N ASP A 39 16.51 6.50 7.69
CA ASP A 39 17.41 7.28 6.79
C ASP A 39 16.92 8.71 6.63
N ALA A 40 15.86 9.11 7.29
CA ALA A 40 15.45 10.50 7.31
C ALA A 40 16.18 11.29 8.39
N ALA A 41 16.14 12.65 8.26
CA ALA A 41 16.94 13.47 9.18
C ALA A 41 16.35 13.60 10.56
N SER A 42 15.01 13.51 10.66
CA SER A 42 14.38 13.90 11.91
C SER A 42 14.66 12.93 13.03
N GLN A 43 14.78 11.61 12.73
CA GLN A 43 14.82 10.59 13.71
C GLN A 43 13.61 10.58 14.62
N ARG A 44 12.46 10.94 14.10
CA ARG A 44 11.24 11.02 14.88
C ARG A 44 10.10 10.38 14.08
N MET A 45 9.18 9.73 14.80
CA MET A 45 7.89 9.40 14.17
C MET A 45 7.27 10.71 13.67
N GLU A 46 6.64 10.75 12.52
CA GLU A 46 6.11 11.98 11.92
C GLU A 46 4.68 11.83 11.52
N PRO A 47 3.86 12.88 11.54
CA PRO A 47 2.48 12.82 11.12
C PRO A 47 2.32 12.81 9.63
N ARG A 48 1.30 12.05 9.15
CA ARG A 48 0.92 11.96 7.74
CA ARG A 48 0.95 11.96 7.75
C ARG A 48 -0.58 12.18 7.53
N ALA A 49 -1.33 12.47 8.53
CA ALA A 49 -2.78 12.81 8.38
C ALA A 49 -3.05 13.99 9.29
N PRO A 50 -4.07 14.81 8.90
CA PRO A 50 -4.24 16.02 9.72
C PRO A 50 -4.69 15.81 11.10
N TRP A 51 -5.49 14.81 11.33
CA TRP A 51 -6.09 14.59 12.62
C TRP A 51 -5.15 14.01 13.69
N ILE A 52 -3.92 13.56 13.32
CA ILE A 52 -3.00 13.09 14.29
C ILE A 52 -2.08 14.25 14.79
N GLU A 53 -2.05 15.35 14.05
CA GLU A 53 -1.16 16.48 14.39
C GLU A 53 -1.50 17.08 15.74
N GLN A 54 -2.70 16.93 16.23
CA GLN A 54 -3.12 17.41 17.49
C GLN A 54 -2.50 16.70 18.69
N GLU A 55 -1.95 15.49 18.49
CA GLU A 55 -1.33 14.79 19.58
C GLU A 55 -0.10 15.58 20.07
N GLY A 56 0.02 15.51 21.39
CA GLY A 56 1.04 16.25 22.10
C GLY A 56 2.42 15.64 22.09
N PRO A 57 3.44 16.29 22.63
CA PRO A 57 4.81 15.88 22.49
C PRO A 57 5.04 14.58 23.18
N GLU A 58 4.33 14.23 24.21
CA GLU A 58 4.53 12.95 24.89
C GLU A 58 4.17 11.78 23.91
N TYR A 59 3.11 12.01 23.12
CA TYR A 59 2.70 11.00 22.08
C TYR A 59 3.84 10.84 21.14
N TRP A 60 4.38 11.87 20.55
CA TRP A 60 5.47 11.74 19.57
C TRP A 60 6.69 11.18 20.16
N ASP A 61 7.06 11.54 21.40
CA ASP A 61 8.20 10.95 22.06
C ASP A 61 8.06 9.44 22.26
N GLN A 62 6.89 8.99 22.69
CA GLN A 62 6.68 7.58 22.94
C GLN A 62 6.68 6.76 21.61
N GLU A 63 6.03 7.30 20.61
CA GLU A 63 5.99 6.60 19.34
C GLU A 63 7.35 6.48 18.76
N THR A 64 8.18 7.55 18.87
CA THR A 64 9.55 7.50 18.43
C THR A 64 10.39 6.44 19.19
N ARG A 65 10.22 6.44 20.51
CA ARG A 65 10.96 5.45 21.28
C ARG A 65 10.62 4.02 20.86
N ASN A 66 9.34 3.81 20.62
CA ASN A 66 8.88 2.43 20.25
C ASN A 66 9.45 1.95 18.92
N VAL A 67 9.39 2.82 17.94
CA VAL A 67 9.89 2.38 16.62
C VAL A 67 11.40 2.31 16.60
N LYS A 68 12.12 3.15 17.31
CA LYS A 68 13.56 3.03 17.41
C LYS A 68 13.94 1.72 18.06
N ALA A 69 13.26 1.33 19.11
CA ALA A 69 13.51 0.03 19.81
C ALA A 69 13.22 -1.12 18.83
N GLN A 70 12.17 -1.08 18.04
CA GLN A 70 11.94 -2.14 17.05
C GLN A 70 13.02 -2.14 15.98
N SER A 71 13.48 -0.97 15.55
CA SER A 71 14.54 -0.98 14.54
C SER A 71 15.80 -1.69 15.06
N GLN A 72 16.11 -1.52 16.35
CA GLN A 72 17.28 -2.18 16.93
C GLN A 72 17.04 -3.68 17.13
N THR A 73 15.84 -4.09 17.49
CA THR A 73 15.50 -5.51 17.53
C THR A 73 15.66 -6.14 16.17
N ASP A 74 15.13 -5.47 15.10
CA ASP A 74 15.22 -6.01 13.76
C ASP A 74 16.68 -6.15 13.31
N ARG A 75 17.55 -5.17 13.68
CA ARG A 75 18.95 -5.26 13.31
C ARG A 75 19.55 -6.52 13.85
N VAL A 76 19.29 -6.78 15.14
CA VAL A 76 19.79 -7.98 15.83
C VAL A 76 19.19 -9.22 15.22
N ASP A 77 17.89 -9.19 14.99
CA ASP A 77 17.16 -10.35 14.41
C ASP A 77 17.57 -10.73 12.99
N LEU A 78 17.97 -9.70 12.19
CA LEU A 78 18.54 -10.00 10.87
C LEU A 78 19.78 -10.88 11.04
N GLY A 79 20.63 -10.56 12.04
CA GLY A 79 21.80 -11.44 12.29
C GLY A 79 21.46 -12.76 12.83
N THR A 80 20.47 -12.79 13.76
CA THR A 80 20.06 -14.07 14.37
C THR A 80 19.51 -15.01 13.27
N LEU A 81 18.63 -14.50 12.42
CA LEU A 81 18.03 -15.35 11.38
C LEU A 81 19.08 -15.80 10.35
N ARG A 82 19.97 -14.92 10.00
CA ARG A 82 21.04 -15.31 9.09
C ARG A 82 21.75 -16.52 9.65
N GLY A 83 22.03 -16.47 10.95
CA GLY A 83 22.67 -17.60 11.58
C GLY A 83 21.83 -18.85 11.62
N TYR A 84 20.51 -18.78 11.88
CA TYR A 84 19.64 -19.96 11.88
C TYR A 84 19.67 -20.66 10.53
N TYR A 85 19.70 -19.87 9.46
CA TYR A 85 19.60 -20.37 8.08
C TYR A 85 20.99 -20.68 7.52
N ASN A 86 22.06 -20.33 8.21
CA ASN A 86 23.44 -20.52 7.66
C ASN A 86 23.61 -19.74 6.42
N GLN A 87 23.11 -18.52 6.33
CA GLN A 87 23.25 -17.67 5.17
C GLN A 87 24.54 -16.86 5.19
N SER A 88 25.01 -16.45 4.01
CA SER A 88 26.19 -15.58 3.87
C SER A 88 25.98 -14.21 4.45
N GLU A 89 27.03 -13.63 5.01
CA GLU A 89 27.02 -12.26 5.40
C GLU A 89 26.99 -11.27 4.27
N ASP A 90 27.18 -11.72 3.06
CA ASP A 90 27.20 -10.82 1.91
C ASP A 90 25.81 -10.51 1.43
N GLY A 91 24.82 -11.30 1.72
CA GLY A 91 23.47 -11.07 1.16
C GLY A 91 22.64 -10.03 1.94
N SER A 92 21.79 -9.32 1.25
CA SER A 92 20.77 -8.46 1.83
C SER A 92 19.53 -9.26 2.11
N HIS A 93 18.95 -9.08 3.29
CA HIS A 93 17.75 -9.82 3.74
C HIS A 93 16.78 -8.82 4.34
N THR A 94 15.51 -9.27 4.41
CA THR A 94 14.37 -8.43 4.82
C THR A 94 13.56 -9.03 5.91
N ILE A 95 13.21 -8.30 6.94
CA ILE A 95 12.22 -8.68 7.90
C ILE A 95 11.06 -7.76 7.75
N GLN A 96 9.84 -8.29 7.69
CA GLN A 96 8.60 -7.51 7.66
C GLN A 96 7.69 -7.93 8.78
N ILE A 97 7.02 -6.96 9.38
CA ILE A 97 6.13 -7.19 10.49
C ILE A 97 4.87 -6.43 10.20
N MET A 98 3.71 -7.08 10.37
CA MET A 98 2.39 -6.39 10.37
C MET A 98 1.72 -6.70 11.68
N TYR A 99 1.03 -5.70 12.23
CA TYR A 99 0.16 -5.98 13.36
C TYR A 99 -0.94 -5.00 13.44
N GLY A 100 -2.00 -5.29 14.20
CA GLY A 100 -3.07 -4.32 14.46
C GLY A 100 -4.35 -5.05 14.76
N CYS A 101 -5.43 -4.28 14.70
CA CYS A 101 -6.73 -4.75 15.22
C CYS A 101 -7.83 -4.23 14.36
N ASP A 102 -8.98 -4.94 14.45
CA ASP A 102 -10.28 -4.61 13.76
C ASP A 102 -11.32 -4.39 14.81
N VAL A 103 -12.13 -3.30 14.64
CA VAL A 103 -13.29 -3.10 15.49
C VAL A 103 -14.54 -2.98 14.67
N GLY A 104 -15.64 -3.34 15.33
CA GLY A 104 -16.96 -3.25 14.67
C GLY A 104 -17.58 -1.93 14.83
N PRO A 105 -18.85 -1.87 14.36
CA PRO A 105 -19.52 -0.58 14.37
C PRO A 105 -19.81 -0.01 15.73
N ASP A 106 -19.87 -0.81 16.71
CA ASP A 106 -20.02 -0.42 18.09
C ASP A 106 -18.66 -0.17 18.81
N GLY A 107 -17.54 -0.27 18.09
CA GLY A 107 -16.24 -0.09 18.65
C GLY A 107 -15.68 -1.32 19.33
N ARG A 108 -16.40 -2.46 19.34
CA ARG A 108 -15.90 -3.58 20.03
C ARG A 108 -14.83 -4.29 19.19
N PHE A 109 -13.87 -4.88 19.88
CA PHE A 109 -12.81 -5.70 19.29
C PHE A 109 -13.36 -6.82 18.50
N LEU A 110 -12.97 -7.00 17.25
CA LEU A 110 -13.27 -8.18 16.44
C LEU A 110 -12.20 -9.19 16.46
N ARG A 111 -10.99 -8.74 16.12
CA ARG A 111 -9.83 -9.63 16.11
C ARG A 111 -8.55 -8.75 16.06
N GLY A 112 -7.44 -9.46 16.32
CA GLY A 112 -6.09 -8.86 16.24
C GLY A 112 -5.21 -9.65 15.35
N TYR A 113 -4.05 -9.06 15.04
CA TYR A 113 -3.06 -9.66 14.12
C TYR A 113 -1.67 -9.29 14.58
N ARG A 114 -0.77 -10.28 14.40
CA ARG A 114 0.71 -10.02 14.44
C ARG A 114 1.32 -11.10 13.58
N GLN A 115 1.97 -10.71 12.49
CA GLN A 115 2.56 -11.67 11.53
C GLN A 115 3.90 -11.16 11.04
N ASP A 116 4.81 -12.05 10.81
CA ASP A 116 6.19 -11.70 10.47
C ASP A 116 6.62 -12.53 9.30
N ALA A 117 7.43 -11.91 8.45
CA ALA A 117 8.03 -12.54 7.25
C ALA A 117 9.51 -12.41 7.29
N TYR A 118 10.21 -13.25 6.57
CA TYR A 118 11.64 -13.16 6.28
C TYR A 118 11.83 -13.39 4.80
N ASP A 119 12.47 -12.44 4.17
CA ASP A 119 12.69 -12.51 2.71
C ASP A 119 11.39 -12.68 1.94
N GLY A 120 10.31 -12.05 2.39
CA GLY A 120 9.05 -12.00 1.69
C GLY A 120 8.23 -13.26 1.80
N LYS A 121 8.55 -14.15 2.73
CA LYS A 121 7.76 -15.35 2.98
C LYS A 121 7.43 -15.43 4.45
N ASP A 122 6.33 -16.09 4.77
CA ASP A 122 5.95 -16.27 6.16
C ASP A 122 7.05 -16.85 6.96
N TYR A 123 7.26 -16.26 8.15
CA TYR A 123 8.23 -16.74 9.12
C TYR A 123 7.47 -17.25 10.34
N ILE A 124 6.82 -16.36 11.10
CA ILE A 124 6.01 -16.73 12.29
C ILE A 124 4.81 -15.85 12.33
N ALA A 125 3.70 -16.38 12.83
CA ALA A 125 2.45 -15.62 12.94
C ALA A 125 1.75 -15.97 14.22
N LEU A 126 1.17 -14.97 14.83
CA LEU A 126 0.24 -15.15 15.94
C LEU A 126 -1.06 -15.65 15.40
N ASN A 127 -1.55 -16.78 15.92
CA ASN A 127 -2.86 -17.30 15.46
C ASN A 127 -3.96 -16.40 15.92
N GLU A 128 -5.14 -16.58 15.30
CA GLU A 128 -6.31 -15.73 15.64
C GLU A 128 -6.75 -15.69 17.06
N ASP A 129 -6.45 -16.91 17.78
CA ASP A 129 -6.70 -16.97 19.20
C ASP A 129 -5.87 -16.05 20.04
N LEU A 130 -4.79 -15.45 19.46
CA LEU A 130 -3.87 -14.56 20.17
C LEU A 130 -3.18 -15.27 21.36
N ARG A 131 -3.09 -16.58 21.26
CA ARG A 131 -2.60 -17.42 22.40
C ARG A 131 -1.65 -18.45 21.93
N SER A 132 -1.25 -18.51 20.67
CA SER A 132 -0.42 -19.53 20.10
C SER A 132 0.19 -19.04 18.80
N TRP A 133 1.21 -19.67 18.34
CA TRP A 133 1.96 -19.26 17.16
C TRP A 133 1.99 -20.29 16.10
N THR A 134 2.07 -19.93 14.85
CA THR A 134 2.38 -20.82 13.68
C THR A 134 3.74 -20.49 13.14
N ALA A 135 4.69 -21.37 13.20
CA ALA A 135 6.01 -21.24 12.62
C ALA A 135 6.09 -21.85 11.26
N ALA A 136 6.67 -21.16 10.27
CA ALA A 136 6.62 -21.68 8.90
C ALA A 136 7.70 -22.66 8.59
N ASP A 137 8.77 -22.81 9.31
CA ASP A 137 9.92 -23.64 9.02
C ASP A 137 10.70 -23.93 10.31
N MET A 138 11.78 -24.67 10.21
CA MET A 138 12.51 -25.09 11.37
C MET A 138 13.20 -23.96 12.02
N ALA A 139 13.67 -22.94 11.31
CA ALA A 139 14.28 -21.78 11.94
C ALA A 139 13.23 -21.07 12.79
N ALA A 140 12.03 -20.84 12.24
CA ALA A 140 10.98 -20.19 13.00
C ALA A 140 10.50 -20.97 14.15
N GLN A 141 10.68 -22.28 14.18
CA GLN A 141 10.43 -23.07 15.37
CA GLN A 141 10.39 -23.03 15.38
C GLN A 141 11.32 -22.69 16.53
N ILE A 142 12.54 -22.27 16.27
CA ILE A 142 13.42 -21.79 17.33
C ILE A 142 12.80 -20.57 17.93
N THR A 143 12.43 -19.57 17.07
CA THR A 143 11.82 -18.35 17.57
C THR A 143 10.54 -18.68 18.32
N LYS A 144 9.71 -19.64 17.82
CA LYS A 144 8.49 -19.97 18.53
C LYS A 144 8.80 -20.45 19.93
N ARG A 145 9.75 -21.35 20.12
CA ARG A 145 10.09 -21.80 21.50
C ARG A 145 10.51 -20.63 22.38
N LYS A 146 11.30 -19.70 21.81
CA LYS A 146 11.74 -18.50 22.54
C LYS A 146 10.59 -17.67 22.96
N TRP A 147 9.62 -17.45 22.08
CA TRP A 147 8.44 -16.60 22.34
C TRP A 147 7.46 -17.32 23.27
N GLU A 148 7.37 -18.62 23.17
CA GLU A 148 6.56 -19.37 24.17
C GLU A 148 7.13 -19.23 25.56
N ALA A 149 8.44 -19.38 25.70
CA ALA A 149 9.11 -19.21 27.01
C ALA A 149 8.86 -17.86 27.52
N ALA A 150 8.85 -16.82 26.70
CA ALA A 150 8.77 -15.40 27.07
C ALA A 150 7.34 -14.94 27.30
N HIS A 151 6.36 -15.82 27.08
CA HIS A 151 4.94 -15.39 27.10
C HIS A 151 4.68 -14.25 26.20
N ALA A 152 5.26 -14.28 25.04
CA ALA A 152 5.10 -13.21 24.07
C ALA A 152 3.64 -13.09 23.57
N ALA A 153 2.90 -14.15 23.48
CA ALA A 153 1.53 -14.06 23.01
C ALA A 153 0.69 -13.22 23.98
N GLU A 154 0.90 -13.37 25.26
CA GLU A 154 0.14 -12.61 26.26
C GLU A 154 0.46 -11.14 26.08
N GLN A 155 1.74 -10.80 25.81
CA GLN A 155 2.09 -9.40 25.58
C GLN A 155 1.39 -8.81 24.39
N GLN A 156 1.36 -9.58 23.31
CA GLN A 156 0.70 -9.13 22.10
C GLN A 156 -0.80 -8.95 22.32
N ARG A 157 -1.41 -9.95 22.96
N ARG A 157 -1.40 -9.95 22.97
CA ARG A 157 -2.87 -9.91 23.19
CA ARG A 157 -2.85 -9.93 23.21
C ARG A 157 -3.28 -8.76 24.06
C ARG A 157 -3.27 -8.77 24.06
N ALA A 158 -2.48 -8.46 25.09
CA ALA A 158 -2.78 -7.32 25.96
C ALA A 158 -2.84 -6.03 25.17
N TYR A 159 -1.89 -5.82 24.25
CA TYR A 159 -1.93 -4.64 23.35
C TYR A 159 -3.10 -4.67 22.40
N LEU A 160 -3.29 -5.81 21.71
CA LEU A 160 -4.25 -5.89 20.60
C LEU A 160 -5.67 -5.70 21.10
N GLU A 161 -6.02 -6.26 22.25
CA GLU A 161 -7.39 -6.11 22.86
C GLU A 161 -7.50 -4.88 23.65
N GLY A 162 -6.46 -4.14 23.99
CA GLY A 162 -6.44 -3.01 24.86
C GLY A 162 -6.12 -1.70 24.12
N ARG A 163 -4.89 -1.30 24.21
CA ARG A 163 -4.38 -0.09 23.60
C ARG A 163 -4.74 0.04 22.16
N CYS A 164 -4.57 -1.03 21.36
CA CYS A 164 -4.80 -0.94 19.98
C CYS A 164 -6.22 -0.47 19.67
N VAL A 165 -7.21 -1.10 20.31
CA VAL A 165 -8.62 -0.79 20.12
C VAL A 165 -8.92 0.61 20.69
N GLU A 166 -8.35 0.93 21.85
CA GLU A 166 -8.67 2.22 22.46
C GLU A 166 -8.15 3.37 21.65
N TRP A 167 -6.95 3.25 21.07
CA TRP A 167 -6.44 4.31 20.22
C TRP A 167 -7.12 4.34 18.85
N LEU A 168 -7.47 3.18 18.27
CA LEU A 168 -8.22 3.20 17.03
C LEU A 168 -9.55 4.00 17.26
N ARG A 169 -10.23 3.73 18.36
CA ARG A 169 -11.49 4.48 18.67
C ARG A 169 -11.24 5.96 18.78
N ARG A 170 -10.15 6.36 19.41
CA ARG A 170 -9.79 7.75 19.52
C ARG A 170 -9.55 8.35 18.17
N TYR A 171 -8.76 7.73 17.31
CA TYR A 171 -8.52 8.26 15.99
C TYR A 171 -9.74 8.35 15.15
N LEU A 172 -10.61 7.37 15.19
CA LEU A 172 -11.88 7.44 14.45
C LEU A 172 -12.71 8.65 14.91
N GLU A 173 -12.72 8.97 16.15
CA GLU A 173 -13.50 10.16 16.63
C GLU A 173 -12.76 11.40 16.21
N ASN A 174 -11.45 11.51 16.42
CA ASN A 174 -10.75 12.81 16.14
C ASN A 174 -10.73 13.04 14.66
N GLY A 175 -10.56 11.97 13.87
CA GLY A 175 -10.50 12.04 12.45
C GLY A 175 -11.81 11.79 11.76
N LYS A 176 -12.96 11.87 12.45
CA LYS A 176 -14.23 11.44 11.87
C LYS A 176 -14.59 12.15 10.55
N GLU A 177 -14.24 13.42 10.41
CA GLU A 177 -14.71 14.16 9.24
C GLU A 177 -14.13 13.63 7.96
N THR A 178 -12.98 12.98 8.02
CA THR A 178 -12.46 12.24 6.89
C THR A 178 -12.55 10.70 7.00
N LEU A 179 -12.06 10.08 8.11
CA LEU A 179 -12.11 8.60 8.24
C LEU A 179 -13.46 8.02 8.16
N GLN A 180 -14.52 8.75 8.62
CA GLN A 180 -15.84 8.17 8.64
C GLN A 180 -16.69 8.76 7.53
N ARG A 181 -16.06 9.38 6.56
CA ARG A 181 -16.80 9.93 5.44
C ARG A 181 -16.42 9.09 4.23
N THR A 182 -17.34 8.91 3.35
CA THR A 182 -17.08 8.29 2.06
C THR A 182 -16.96 9.40 0.99
N ASP A 183 -16.08 9.19 0.02
CA ASP A 183 -16.00 10.04 -1.14
C ASP A 183 -16.47 9.17 -2.29
N PRO A 184 -17.64 9.40 -2.93
CA PRO A 184 -18.04 8.54 -4.04
C PRO A 184 -17.21 8.78 -5.26
N PRO A 185 -17.13 7.79 -6.11
CA PRO A 185 -16.39 7.95 -7.35
C PRO A 185 -17.03 8.98 -8.34
N LYS A 186 -16.19 9.74 -8.92
CA LYS A 186 -16.56 10.57 -10.08
C LYS A 186 -16.40 9.70 -11.27
N THR A 187 -17.43 9.43 -12.00
CA THR A 187 -17.43 8.44 -13.10
C THR A 187 -17.59 9.02 -14.45
N HIS A 188 -16.99 8.45 -15.43
CA HIS A 188 -17.13 8.85 -16.85
C HIS A 188 -16.73 7.78 -17.75
N MET A 189 -17.11 7.86 -19.01
CA MET A 189 -16.72 6.95 -20.04
C MET A 189 -15.92 7.58 -21.09
N THR A 190 -14.90 6.93 -21.62
CA THR A 190 -14.12 7.39 -22.80
C THR A 190 -14.20 6.32 -23.84
N HIS A 191 -13.88 6.70 -25.08
CA HIS A 191 -13.98 5.92 -26.27
C HIS A 191 -12.76 6.05 -27.16
N HIS A 192 -12.20 4.95 -27.59
CA HIS A 192 -10.87 4.94 -28.23
C HIS A 192 -10.90 4.01 -29.40
N PRO A 193 -11.18 4.53 -30.62
CA PRO A 193 -11.10 3.68 -31.81
C PRO A 193 -9.78 2.98 -31.94
N ILE A 194 -9.84 1.71 -32.27
CA ILE A 194 -8.63 0.88 -32.54
C ILE A 194 -8.41 0.83 -34.05
N SER A 195 -9.48 0.71 -34.80
CA SER A 195 -9.48 0.53 -36.28
C SER A 195 -10.83 0.91 -36.75
N ASP A 196 -11.11 0.83 -38.05
CA ASP A 196 -12.49 1.01 -38.46
C ASP A 196 -13.43 -0.08 -37.91
N HIS A 197 -12.91 -1.25 -37.50
CA HIS A 197 -13.72 -2.37 -37.03
C HIS A 197 -13.92 -2.54 -35.52
N GLU A 198 -13.09 -1.87 -34.71
CA GLU A 198 -13.18 -2.08 -33.24
C GLU A 198 -12.84 -0.77 -32.55
N ALA A 199 -13.37 -0.67 -31.30
CA ALA A 199 -13.09 0.44 -30.42
C ALA A 199 -13.01 -0.05 -28.99
N THR A 200 -12.27 0.68 -28.17
CA THR A 200 -12.27 0.46 -26.72
C THR A 200 -13.23 1.39 -26.05
N LEU A 201 -14.03 0.90 -25.15
CA LEU A 201 -14.78 1.71 -24.18
C LEU A 201 -14.12 1.57 -22.84
N ARG A 202 -13.86 2.67 -22.13
CA ARG A 202 -13.23 2.69 -20.83
C ARG A 202 -14.09 3.37 -19.82
N CYS A 203 -14.43 2.72 -18.75
CA CYS A 203 -15.25 3.23 -17.72
C CYS A 203 -14.40 3.60 -16.49
N TRP A 204 -14.41 4.85 -16.07
CA TRP A 204 -13.52 5.43 -15.05
C TRP A 204 -14.23 5.67 -13.81
N ALA A 205 -13.55 5.39 -12.67
CA ALA A 205 -13.96 5.81 -11.35
C ALA A 205 -12.79 6.55 -10.72
N LEU A 206 -12.99 7.83 -10.34
CA LEU A 206 -11.92 8.65 -9.86
C LEU A 206 -12.30 9.30 -8.57
N GLY A 207 -11.30 9.53 -7.72
CA GLY A 207 -11.46 10.34 -6.53
C GLY A 207 -12.22 9.68 -5.40
N PHE A 208 -12.29 8.32 -5.30
CA PHE A 208 -13.08 7.70 -4.34
C PHE A 208 -12.34 7.25 -3.09
N TYR A 209 -13.13 7.07 -2.04
CA TYR A 209 -12.60 6.59 -0.70
C TYR A 209 -13.78 5.99 0.02
N PRO A 210 -13.61 4.78 0.59
CA PRO A 210 -12.41 3.93 0.65
C PRO A 210 -12.10 3.23 -0.68
N ALA A 211 -11.07 2.43 -0.70
CA ALA A 211 -10.57 1.85 -1.89
C ALA A 211 -11.48 0.79 -2.52
N GLU A 212 -12.32 0.09 -1.77
CA GLU A 212 -13.12 -0.96 -2.28
C GLU A 212 -14.12 -0.43 -3.30
N ILE A 213 -14.21 -1.10 -4.45
CA ILE A 213 -15.15 -0.67 -5.54
C ILE A 213 -15.37 -1.84 -6.47
N THR A 214 -16.50 -1.80 -7.22
CA THR A 214 -16.72 -2.81 -8.26
C THR A 214 -17.11 -2.09 -9.54
N LEU A 215 -16.43 -2.42 -10.60
CA LEU A 215 -16.77 -1.96 -11.95
C LEU A 215 -17.08 -3.18 -12.79
N THR A 216 -18.20 -3.17 -13.48
CA THR A 216 -18.53 -4.33 -14.37
C THR A 216 -19.05 -3.80 -15.69
N TRP A 217 -18.83 -4.57 -16.72
CA TRP A 217 -19.37 -4.34 -18.04
C TRP A 217 -20.47 -5.31 -18.40
N GLN A 218 -21.47 -4.83 -19.10
CA GLN A 218 -22.59 -5.58 -19.63
C GLN A 218 -22.75 -5.35 -21.11
N ARG A 219 -23.23 -6.36 -21.84
CA ARG A 219 -23.60 -6.29 -23.24
C ARG A 219 -25.05 -6.70 -23.33
N ASP A 220 -25.95 -5.84 -23.76
CA ASP A 220 -27.40 -6.16 -23.80
C ASP A 220 -27.82 -6.70 -22.44
N GLY A 221 -27.35 -6.10 -21.37
CA GLY A 221 -27.82 -6.43 -20.02
C GLY A 221 -27.10 -7.54 -19.38
N GLU A 222 -26.29 -8.30 -20.04
CA GLU A 222 -25.60 -9.49 -19.48
C GLU A 222 -24.18 -9.17 -19.18
N ASP A 223 -23.67 -9.59 -18.03
CA ASP A 223 -22.29 -9.38 -17.60
C ASP A 223 -21.33 -9.92 -18.65
N GLN A 224 -20.32 -9.17 -18.97
CA GLN A 224 -19.35 -9.57 -19.93
C GLN A 224 -18.08 -9.50 -19.30
N THR A 225 -17.33 -10.57 -19.31
CA THR A 225 -15.92 -10.48 -19.00
C THR A 225 -15.00 -10.80 -20.20
N GLN A 226 -15.44 -11.49 -21.19
CA GLN A 226 -14.62 -11.64 -22.37
C GLN A 226 -14.23 -10.25 -22.96
N ASP A 227 -12.98 -10.14 -23.41
CA ASP A 227 -12.45 -8.96 -24.07
C ASP A 227 -12.52 -7.70 -23.19
N THR A 228 -12.57 -7.87 -21.86
CA THR A 228 -12.41 -6.79 -20.85
C THR A 228 -11.06 -6.83 -20.13
N GLU A 229 -10.85 -5.75 -19.44
CA GLU A 229 -9.60 -5.46 -18.73
C GLU A 229 -9.94 -4.57 -17.55
N LEU A 230 -9.53 -4.92 -16.37
CA LEU A 230 -9.69 -4.18 -15.15
C LEU A 230 -8.33 -3.84 -14.57
N VAL A 231 -7.96 -2.61 -14.39
CA VAL A 231 -6.70 -2.24 -13.81
C VAL A 231 -6.79 -2.33 -12.31
N GLU A 232 -5.64 -2.59 -11.66
CA GLU A 232 -5.55 -2.62 -10.21
C GLU A 232 -5.90 -1.22 -9.63
N THR A 233 -6.61 -1.17 -8.56
CA THR A 233 -6.96 0.09 -7.92
C THR A 233 -5.67 0.82 -7.55
N ARG A 234 -5.56 2.09 -7.77
CA ARG A 234 -4.31 2.85 -7.67
C ARG A 234 -4.58 4.09 -6.86
N PRO A 235 -3.57 4.59 -6.10
CA PRO A 235 -3.75 5.83 -5.37
C PRO A 235 -3.65 7.05 -6.28
N ALA A 236 -4.49 8.07 -5.99
CA ALA A 236 -4.36 9.32 -6.75
C ALA A 236 -3.26 10.16 -6.22
N GLY A 237 -2.86 10.02 -4.96
CA GLY A 237 -1.80 10.86 -4.39
C GLY A 237 -2.31 11.78 -3.37
N ASP A 238 -3.59 12.00 -3.31
CA ASP A 238 -4.24 12.92 -2.43
C ASP A 238 -5.11 12.24 -1.34
N GLY A 239 -4.98 10.94 -1.21
CA GLY A 239 -5.77 10.20 -0.23
C GLY A 239 -6.92 9.46 -0.84
N THR A 240 -7.20 9.66 -2.09
CA THR A 240 -8.27 8.93 -2.80
C THR A 240 -7.69 7.96 -3.76
N PHE A 241 -8.59 7.21 -4.42
CA PHE A 241 -8.24 6.14 -5.31
C PHE A 241 -8.86 6.27 -6.72
N GLN A 242 -8.34 5.48 -7.62
CA GLN A 242 -8.77 5.45 -9.00
C GLN A 242 -8.83 4.05 -9.48
N LYS A 243 -9.74 3.78 -10.45
CA LYS A 243 -9.81 2.49 -11.14
C LYS A 243 -10.48 2.65 -12.45
N TRP A 244 -10.15 1.85 -13.46
CA TRP A 244 -10.98 1.81 -14.68
C TRP A 244 -11.11 0.37 -15.12
N ALA A 245 -12.11 0.17 -15.95
CA ALA A 245 -12.42 -1.12 -16.63
C ALA A 245 -12.63 -0.87 -18.08
N ALA A 246 -12.19 -1.67 -18.99
CA ALA A 246 -12.32 -1.42 -20.41
C ALA A 246 -12.80 -2.68 -21.13
N VAL A 247 -13.47 -2.48 -22.25
CA VAL A 247 -13.91 -3.60 -23.14
C VAL A 247 -13.60 -3.16 -24.55
N VAL A 248 -13.24 -4.16 -25.38
CA VAL A 248 -13.09 -3.96 -26.83
C VAL A 248 -14.38 -4.41 -27.53
N VAL A 249 -14.94 -3.52 -28.34
CA VAL A 249 -16.22 -3.78 -28.94
C VAL A 249 -16.15 -3.63 -30.44
N PRO A 250 -17.10 -4.28 -31.16
CA PRO A 250 -17.18 -3.97 -32.59
C PRO A 250 -17.70 -2.59 -32.83
N SER A 251 -17.05 -1.91 -33.81
CA SER A 251 -17.44 -0.55 -34.13
C SER A 251 -18.89 -0.51 -34.60
N GLY A 252 -19.68 0.36 -34.14
CA GLY A 252 -21.08 0.39 -34.37
C GLY A 252 -21.97 -0.16 -33.28
N GLU A 253 -21.36 -0.97 -32.41
CA GLU A 253 -22.07 -1.68 -31.36
C GLU A 253 -21.85 -1.07 -29.99
N GLU A 254 -21.20 0.07 -29.88
CA GLU A 254 -20.88 0.65 -28.57
C GLU A 254 -22.07 0.86 -27.71
N GLN A 255 -23.19 1.30 -28.28
CA GLN A 255 -24.31 1.71 -27.43
C GLN A 255 -24.97 0.41 -26.85
N ARG A 256 -24.61 -0.83 -27.20
CA ARG A 256 -25.12 -2.15 -26.56
C ARG A 256 -24.57 -2.29 -25.16
N TYR A 257 -23.49 -1.60 -24.86
CA TYR A 257 -22.69 -1.86 -23.67
C TYR A 257 -23.04 -0.91 -22.55
N THR A 258 -23.01 -1.33 -21.31
CA THR A 258 -23.15 -0.50 -20.14
C THR A 258 -22.13 -0.87 -19.13
N CYS A 259 -21.73 0.10 -18.33
CA CYS A 259 -20.88 -0.15 -17.15
C CYS A 259 -21.60 0.12 -15.93
N HIS A 260 -21.44 -0.68 -14.89
CA HIS A 260 -22.08 -0.47 -13.57
C HIS A 260 -20.94 -0.19 -12.53
N VAL A 261 -21.16 0.78 -11.70
CA VAL A 261 -20.22 1.16 -10.65
C VAL A 261 -20.91 1.03 -9.31
N GLN A 262 -20.26 0.27 -8.41
CA GLN A 262 -20.78 0.06 -7.02
C GLN A 262 -19.67 0.54 -6.09
N HIS A 263 -20.10 1.34 -5.08
CA HIS A 263 -19.20 1.89 -4.07
C HIS A 263 -20.09 2.25 -2.89
N GLU A 264 -19.44 2.19 -1.71
CA GLU A 264 -20.16 2.56 -0.44
C GLU A 264 -20.59 3.96 -0.39
N GLY A 265 -20.00 4.89 -1.10
CA GLY A 265 -20.43 6.21 -1.10
C GLY A 265 -21.54 6.63 -2.02
N LEU A 266 -21.98 5.69 -2.83
CA LEU A 266 -23.06 5.94 -3.83
C LEU A 266 -24.43 5.71 -3.17
N PRO A 267 -25.37 6.74 -3.20
CA PRO A 267 -26.75 6.38 -2.77
C PRO A 267 -27.36 5.19 -3.56
N LYS A 268 -27.11 5.15 -4.90
CA LYS A 268 -27.54 3.99 -5.74
C LYS A 268 -26.36 3.63 -6.72
N PRO A 269 -26.25 2.36 -7.13
CA PRO A 269 -25.25 2.01 -8.18
C PRO A 269 -25.46 2.83 -9.45
N LEU A 270 -24.36 3.19 -10.08
CA LEU A 270 -24.38 4.03 -11.27
C LEU A 270 -24.32 3.14 -12.45
N THR A 271 -25.01 3.55 -13.54
CA THR A 271 -24.95 2.90 -14.85
C THR A 271 -24.49 3.95 -15.82
N LEU A 272 -23.54 3.56 -16.64
CA LEU A 272 -23.02 4.46 -17.74
C LEU A 272 -23.22 3.78 -19.05
N ARG A 273 -23.61 4.51 -20.11
CA ARG A 273 -23.71 4.06 -21.48
C ARG A 273 -23.14 5.06 -22.40
N TRP A 274 -22.42 4.65 -23.39
CA TRP A 274 -21.82 5.59 -24.37
C TRP A 274 -22.97 6.19 -25.27
N ILE B 1 12.93 -16.20 -3.65
CA ILE B 1 11.99 -15.70 -4.77
C ILE B 1 11.88 -14.18 -4.78
N GLN B 2 12.01 -13.67 -5.93
CA GLN B 2 11.89 -12.26 -6.22
C GLN B 2 10.68 -12.02 -7.09
N ARG B 3 10.01 -10.87 -6.96
CA ARG B 3 8.79 -10.52 -7.65
C ARG B 3 9.03 -9.26 -8.42
N THR B 4 8.68 -9.22 -9.70
CA THR B 4 8.88 -8.07 -10.52
C THR B 4 7.77 -7.05 -10.31
N PRO B 5 8.09 -5.76 -10.39
CA PRO B 5 7.06 -4.73 -10.12
C PRO B 5 5.98 -4.69 -11.23
N LYS B 6 4.79 -4.54 -10.86
CA LYS B 6 3.72 -3.98 -11.74
C LYS B 6 3.82 -2.50 -11.79
N ILE B 7 3.54 -1.88 -12.89
CA ILE B 7 3.75 -0.46 -13.14
C ILE B 7 2.55 0.21 -13.71
N GLN B 8 2.07 1.26 -13.12
CA GLN B 8 1.02 2.10 -13.78
C GLN B 8 1.49 3.51 -13.78
N VAL B 9 1.39 4.20 -14.89
CA VAL B 9 1.75 5.62 -15.02
C VAL B 9 0.50 6.44 -15.33
N TYR B 10 0.18 7.49 -14.64
CA TYR B 10 -1.11 8.13 -14.76
C TYR B 10 -1.06 9.44 -14.12
N SER B 11 -2.04 10.33 -14.29
CA SER B 11 -2.15 11.58 -13.62
C SER B 11 -3.12 11.61 -12.47
N ARG B 12 -2.89 12.44 -11.47
CA ARG B 12 -3.76 12.61 -10.28
C ARG B 12 -5.15 12.96 -10.75
N HIS B 13 -5.20 13.94 -11.68
CA HIS B 13 -6.48 14.47 -12.22
C HIS B 13 -6.54 14.24 -13.70
N PRO B 14 -7.76 14.24 -14.35
CA PRO B 14 -7.79 14.12 -15.80
C PRO B 14 -6.98 15.24 -16.44
N ALA B 15 -6.20 14.86 -17.38
CA ALA B 15 -5.26 15.80 -17.94
C ALA B 15 -5.98 16.91 -18.76
N GLU B 16 -5.50 18.10 -18.57
CA GLU B 16 -5.99 19.25 -19.38
C GLU B 16 -4.79 20.00 -19.73
N ASN B 17 -4.57 20.21 -21.03
CA ASN B 17 -3.38 20.91 -21.49
C ASN B 17 -3.26 22.28 -20.84
N GLY B 18 -2.11 22.64 -20.30
CA GLY B 18 -1.92 23.89 -19.60
C GLY B 18 -2.37 24.07 -18.22
N LYS B 19 -2.92 22.99 -17.64
CA LYS B 19 -3.35 23.05 -16.28
C LYS B 19 -2.44 22.13 -15.38
N SER B 20 -1.95 22.69 -14.29
CA SER B 20 -1.01 21.98 -13.33
C SER B 20 -1.71 20.75 -12.79
N ASN B 21 -0.87 19.71 -12.54
CA ASN B 21 -1.42 18.30 -12.22
C ASN B 21 -0.25 17.68 -11.54
N PHE B 22 -0.42 16.34 -11.28
CA PHE B 22 0.68 15.46 -10.78
C PHE B 22 0.75 14.25 -11.63
N LEU B 23 1.97 13.88 -12.01
CA LEU B 23 2.28 12.71 -12.76
C LEU B 23 2.73 11.64 -11.70
N ASN B 24 2.09 10.48 -11.82
CA ASN B 24 2.27 9.41 -10.85
C ASN B 24 2.80 8.20 -11.52
N CYS B 25 3.73 7.46 -10.88
CA CYS B 25 4.14 6.14 -11.27
C CYS B 25 3.96 5.27 -10.05
N TYR B 26 3.01 4.34 -10.10
CA TYR B 26 2.71 3.44 -9.00
C TYR B 26 3.31 2.07 -9.29
N VAL B 27 4.21 1.62 -8.43
CA VAL B 27 4.89 0.37 -8.56
C VAL B 27 4.41 -0.53 -7.43
N SER B 28 4.06 -1.77 -7.71
CA SER B 28 3.47 -2.62 -6.70
C SER B 28 3.85 -4.09 -7.01
N GLY B 29 3.58 -4.95 -6.01
CA GLY B 29 3.77 -6.38 -6.21
C GLY B 29 5.21 -6.79 -6.27
N PHE B 30 6.19 -6.01 -5.82
CA PHE B 30 7.62 -6.35 -6.00
C PHE B 30 8.28 -6.80 -4.70
N HIS B 31 9.36 -7.57 -4.89
CA HIS B 31 10.18 -7.99 -3.79
C HIS B 31 11.52 -8.34 -4.35
N PRO B 32 12.68 -7.88 -3.84
CA PRO B 32 12.80 -7.12 -2.62
C PRO B 32 12.50 -5.62 -2.85
N SER B 33 12.61 -4.80 -1.81
CA SER B 33 12.20 -3.43 -1.83
C SER B 33 13.08 -2.48 -2.58
N ASP B 34 14.32 -2.76 -2.83
CA ASP B 34 15.16 -1.85 -3.53
C ASP B 34 14.64 -1.67 -4.93
N ILE B 35 14.35 -0.45 -5.34
CA ILE B 35 13.79 -0.20 -6.66
C ILE B 35 14.23 1.24 -7.06
N GLU B 36 14.38 1.42 -8.33
CA GLU B 36 14.78 2.73 -8.92
C GLU B 36 13.62 3.16 -9.80
N VAL B 37 13.05 4.31 -9.52
CA VAL B 37 11.93 4.86 -10.35
C VAL B 37 12.26 6.29 -10.70
N ASP B 38 12.44 6.57 -11.97
CA ASP B 38 12.58 7.97 -12.46
C ASP B 38 11.41 8.28 -13.31
N LEU B 39 11.05 9.54 -13.34
CA LEU B 39 10.00 10.07 -14.31
C LEU B 39 10.72 10.88 -15.34
N LEU B 40 10.28 10.77 -16.59
CA LEU B 40 10.98 11.29 -17.75
C LEU B 40 9.99 12.25 -18.45
N LYS B 41 10.60 13.34 -18.95
CA LYS B 41 9.98 14.32 -19.83
C LYS B 41 10.75 14.37 -21.10
N ASN B 42 10.13 14.01 -22.22
CA ASN B 42 10.83 13.96 -23.46
C ASN B 42 12.16 13.21 -23.37
N GLY B 43 12.15 12.12 -22.67
CA GLY B 43 13.29 11.20 -22.51
C GLY B 43 14.32 11.60 -21.45
N GLU B 44 14.19 12.82 -20.87
CA GLU B 44 15.16 13.30 -19.91
C GLU B 44 14.56 13.15 -18.56
N ARG B 45 15.42 12.92 -17.55
CA ARG B 45 15.00 12.78 -16.20
C ARG B 45 14.38 14.03 -15.64
N ILE B 46 13.25 13.95 -14.99
CA ILE B 46 12.61 15.01 -14.24
C ILE B 46 13.34 15.12 -12.94
N GLU B 47 13.72 16.32 -12.51
CA GLU B 47 14.65 16.45 -11.37
C GLU B 47 14.00 16.23 -10.11
N LYS B 48 12.84 16.68 -9.83
CA LYS B 48 12.20 16.57 -8.58
C LYS B 48 11.11 15.49 -8.62
N VAL B 49 11.37 14.39 -7.94
CA VAL B 49 10.40 13.26 -7.87
C VAL B 49 10.37 12.85 -6.42
N GLU B 50 9.23 12.79 -5.85
CA GLU B 50 9.04 12.34 -4.44
C GLU B 50 8.39 10.97 -4.46
N HIS B 51 8.44 10.31 -3.31
CA HIS B 51 7.79 8.97 -3.20
C HIS B 51 7.19 8.79 -1.85
N SER B 52 6.17 7.90 -1.80
CA SER B 52 5.48 7.51 -0.57
C SER B 52 6.39 6.65 0.35
N ASP B 53 5.85 6.49 1.54
CA ASP B 53 6.50 5.70 2.53
C ASP B 53 6.30 4.19 2.25
N LEU B 54 7.35 3.42 2.21
CA LEU B 54 7.27 1.97 1.87
C LEU B 54 6.30 1.22 2.73
N SER B 55 5.40 0.48 2.06
CA SER B 55 4.45 -0.41 2.76
C SER B 55 4.32 -1.63 1.87
N PHE B 56 3.49 -2.60 2.37
CA PHE B 56 3.40 -3.90 1.74
C PHE B 56 1.99 -4.45 1.91
N SER B 57 1.71 -5.43 1.05
CA SER B 57 0.40 -6.07 0.90
C SER B 57 0.36 -7.35 1.67
N LYS B 58 -0.80 -8.03 1.60
CA LYS B 58 -1.00 -9.23 2.35
C LYS B 58 -0.03 -10.32 1.94
N ASP B 59 0.42 -10.38 0.69
CA ASP B 59 1.40 -11.36 0.22
C ASP B 59 2.89 -10.99 0.45
N TRP B 60 3.06 -9.89 1.24
CA TRP B 60 4.33 -9.34 1.63
C TRP B 60 4.99 -8.48 0.56
N SER B 61 4.42 -8.40 -0.64
CA SER B 61 5.01 -7.58 -1.69
C SER B 61 4.83 -6.11 -1.41
N PHE B 62 5.76 -5.35 -1.93
CA PHE B 62 5.82 -3.91 -1.62
C PHE B 62 5.12 -3.05 -2.63
N TYR B 63 4.73 -1.81 -2.21
CA TYR B 63 4.19 -0.84 -3.14
C TYR B 63 4.65 0.56 -2.77
N LEU B 64 4.84 1.39 -3.80
CA LEU B 64 5.27 2.76 -3.68
C LEU B 64 4.62 3.60 -4.75
N LEU B 65 4.33 4.85 -4.42
CA LEU B 65 3.91 5.87 -5.40
C LEU B 65 4.99 6.89 -5.61
N TYR B 66 5.44 7.13 -6.80
CA TYR B 66 6.40 8.19 -7.13
C TYR B 66 5.63 9.28 -7.86
N TYR B 67 5.94 10.55 -7.64
CA TYR B 67 5.10 11.61 -8.19
C TYR B 67 5.91 12.89 -8.35
N THR B 68 5.42 13.69 -9.33
CA THR B 68 6.00 15.04 -9.59
C THR B 68 4.85 15.91 -10.01
N GLU B 69 4.90 17.19 -9.64
CA GLU B 69 4.04 18.20 -10.27
C GLU B 69 4.41 18.40 -11.70
N PHE B 70 3.44 18.58 -12.58
CA PHE B 70 3.70 18.80 -14.00
C PHE B 70 2.53 19.55 -14.55
N THR B 71 2.77 20.18 -15.73
CA THR B 71 1.63 20.78 -16.51
C THR B 71 1.62 20.11 -17.86
N PRO B 72 0.69 19.19 -18.20
CA PRO B 72 0.67 18.52 -19.46
C PRO B 72 0.47 19.51 -20.65
N THR B 73 0.94 19.09 -21.81
CA THR B 73 0.74 19.86 -23.08
C THR B 73 0.42 18.89 -24.17
N GLU B 74 0.08 19.43 -25.35
CA GLU B 74 -0.18 18.47 -26.41
C GLU B 74 1.01 17.64 -26.86
N LYS B 75 2.18 18.23 -26.92
CA LYS B 75 3.30 17.59 -27.55
C LYS B 75 4.31 16.93 -26.58
N ASP B 76 4.36 17.40 -25.32
CA ASP B 76 5.39 16.77 -24.38
C ASP B 76 5.03 15.33 -24.02
N GLU B 77 6.04 14.49 -24.10
CA GLU B 77 5.89 13.03 -23.77
C GLU B 77 6.44 12.74 -22.42
N TYR B 78 5.67 12.04 -21.58
CA TYR B 78 6.07 11.67 -20.23
C TYR B 78 6.13 10.19 -20.14
N ALA B 79 6.95 9.70 -19.19
CA ALA B 79 7.14 8.24 -18.98
C ALA B 79 7.74 7.96 -17.62
N CYS B 80 7.64 6.73 -17.20
CA CYS B 80 8.32 6.24 -15.99
C CYS B 80 9.32 5.25 -16.37
N ARG B 81 10.49 5.22 -15.72
CA ARG B 81 11.57 4.30 -16.03
C ARG B 81 11.92 3.58 -14.70
N VAL B 82 11.76 2.28 -14.71
CA VAL B 82 11.84 1.47 -13.46
C VAL B 82 12.95 0.48 -13.62
N ASN B 83 13.80 0.39 -12.60
CA ASN B 83 14.76 -0.70 -12.56
C ASN B 83 14.60 -1.43 -11.22
N HIS B 84 14.92 -2.72 -11.28
CA HIS B 84 14.72 -3.64 -10.13
C HIS B 84 15.67 -4.81 -10.44
N VAL B 85 15.98 -5.60 -9.42
CA VAL B 85 16.86 -6.74 -9.63
C VAL B 85 16.22 -7.73 -10.54
N THR B 86 14.90 -7.86 -10.66
CA THR B 86 14.19 -8.78 -11.55
C THR B 86 14.23 -8.39 -13.01
N LEU B 87 14.64 -7.17 -13.28
CA LEU B 87 14.56 -6.60 -14.67
C LEU B 87 15.93 -6.71 -15.26
N SER B 88 16.06 -7.31 -16.49
CA SER B 88 17.44 -7.37 -17.02
C SER B 88 17.86 -5.99 -17.55
N GLN B 89 16.91 -5.10 -17.95
CA GLN B 89 17.26 -3.69 -18.18
C GLN B 89 16.09 -2.80 -17.66
N PRO B 90 16.28 -1.48 -17.61
CA PRO B 90 15.17 -0.65 -17.11
C PRO B 90 13.99 -0.78 -18.01
N LYS B 91 12.80 -0.72 -17.47
CA LYS B 91 11.51 -0.77 -18.17
C LYS B 91 10.97 0.60 -18.24
N ILE B 92 10.66 1.07 -19.45
CA ILE B 92 10.04 2.37 -19.68
C ILE B 92 8.57 2.21 -20.02
N VAL B 93 7.71 2.84 -19.27
CA VAL B 93 6.29 2.82 -19.52
C VAL B 93 5.89 4.26 -19.83
N LYS B 94 5.32 4.50 -21.01
CA LYS B 94 4.89 5.80 -21.42
C LYS B 94 3.63 6.23 -20.78
N TRP B 95 3.43 7.47 -20.40
CA TRP B 95 2.20 8.01 -19.96
C TRP B 95 1.25 8.13 -21.15
N ASP B 96 0.05 7.62 -21.00
CA ASP B 96 -1.09 7.76 -21.98
C ASP B 96 -2.17 8.41 -21.23
N ARG B 97 -2.59 9.61 -21.54
CA ARG B 97 -3.56 10.33 -20.77
C ARG B 97 -4.94 9.65 -20.71
N ASP B 98 -5.18 8.70 -21.55
CA ASP B 98 -6.41 7.92 -21.58
C ASP B 98 -6.35 6.63 -20.80
N MET B 99 -5.32 6.43 -20.01
CA MET B 99 -5.15 5.22 -19.13
C MET B 99 -4.69 5.64 -17.75
N ALA C 1 -1.67 4.13 18.06
CA ALA C 1 -0.45 4.14 18.84
C ALA C 1 0.24 2.74 18.76
N THR C 2 1.53 2.74 18.58
CA THR C 2 2.33 1.53 18.44
C THR C 2 2.41 0.70 19.70
N ILE C 3 2.77 -0.58 19.55
CA ILE C 3 3.06 -1.41 20.71
C ILE C 3 4.39 -1.02 21.28
N GLY C 4 4.53 -1.15 22.62
CA GLY C 4 5.79 -0.82 23.30
C GLY C 4 6.77 -1.99 23.33
N THR C 5 6.37 -3.15 23.24
CA THR C 5 7.30 -4.29 23.40
C THR C 5 7.88 -4.56 22.04
N ALA C 6 9.14 -4.95 22.02
CA ALA C 6 9.85 -5.37 20.81
C ALA C 6 10.35 -6.76 21.06
N MET C 7 10.03 -7.72 20.25
CA MET C 7 10.30 -9.12 20.53
C MET C 7 11.49 -9.66 19.73
N TYR C 8 12.56 -10.00 20.39
CA TYR C 8 13.73 -10.60 19.75
C TYR C 8 13.46 -12.01 19.35
N LYS C 9 14.02 -12.42 18.23
CA LYS C 9 13.86 -13.72 17.62
C LYS C 9 14.95 -14.78 17.86
C1 GOL D . 15.87 -11.49 24.42
O1 GOL D . 16.03 -12.76 25.10
C2 GOL D . 17.11 -11.21 23.56
O2 GOL D . 17.33 -12.34 22.68
C3 GOL D . 18.32 -10.96 24.38
O3 GOL D . 19.49 -10.62 23.53
C1 GOL E . -5.17 -0.60 3.90
O1 GOL E . -4.80 0.28 2.87
C2 GOL E . -3.88 -0.89 4.71
O2 GOL E . -4.25 -1.44 6.01
C3 GOL E . -3.18 -2.12 4.10
O3 GOL E . -2.12 -1.65 3.18
C1 GOL F . -10.40 10.78 1.38
O1 GOL F . -9.77 12.06 1.48
C2 GOL F . -11.49 10.60 2.42
O2 GOL F . -10.66 10.40 3.51
C3 GOL F . -12.62 11.55 2.86
O3 GOL F . -13.68 10.75 3.43
C1 GOL G . 11.94 3.41 -0.49
O1 GOL G . 12.11 4.66 0.21
C2 GOL G . 13.07 3.37 -1.52
O2 GOL G . 14.44 3.63 -0.94
C3 GOL G . 13.04 2.08 -2.33
O3 GOL G . 12.44 0.93 -1.65
C1 GOL H . -6.50 -16.69 28.27
O1 GOL H . -5.13 -17.06 28.06
C2 GOL H . -6.54 -15.57 29.07
O2 GOL H . -5.23 -15.24 29.52
C3 GOL H . -7.12 -14.56 28.53
O3 GOL H . -8.38 -14.12 28.77
C1 GOL I . -2.92 1.78 -16.63
O1 GOL I . -2.75 0.53 -15.99
C2 GOL I . -1.77 2.52 -17.06
O2 GOL I . -1.72 3.40 -15.97
C3 GOL I . -0.51 1.74 -17.25
O3 GOL I . 0.47 2.68 -17.18
C1 GOL J . 10.94 -12.26 23.23
O1 GOL J . 12.07 -12.95 22.81
C2 GOL J . 11.35 -11.04 24.05
O2 GOL J . 12.18 -10.07 23.28
C3 GOL J . 10.12 -10.22 24.53
O3 GOL J . 9.30 -10.98 25.40
#